data_5U0W
#
_entry.id   5U0W
#
_cell.length_a   95.542
_cell.length_b   85.513
_cell.length_c   84.281
_cell.angle_alpha   90.00
_cell.angle_beta   111.52
_cell.angle_gamma   90.00
#
_symmetry.space_group_name_H-M   'C 1 2 1'
#
loop_
_entity.id
_entity.type
_entity.pdbx_description
1 polymer 'Dihydropteroate synthase'
2 non-polymer 9-METHYLGUANINE
3 non-polymer 'ACETIC ACID'
4 water water
#
_entity_poly.entity_id   1
_entity_poly.type   'polypeptide(L)'
_entity_poly.pdbx_seq_one_letter_code
;GSMKLFAQGTSLDLSHPHVMGILNVTPDSFSDGGTHNSLIDAVKHANLMINAGATIIDVGGESTRPGAAEVSVEEELQRV
IPVVEAIAQRFEVWISVDTSKPEVIRESAKVGAHIINDIRSLSEPGALEAAAETGLPVCLMHMQGNPKTMQEAPKYDDVF
AEVNRYFIEQIARCEQAGIAKEKLLLDPGFGFGKNLSHNYSLLARLAEFHHFNLPLLVGMSRKSMIGQLLNVGPSERLSG
SLACAVIAAMQGAHIIRVHDVKETVEAMRVVEATLSAKENKRYE
;
_entity_poly.pdbx_strand_id   A,B
#
loop_
_chem_comp.id
_chem_comp.type
_chem_comp.name
_chem_comp.formula
9MG non-polymer 9-METHYLGUANINE 'C6 H7 N5 O'
ACY non-polymer 'ACETIC ACID' 'C2 H4 O2'
#
# COMPACT_ATOMS: atom_id res chain seq x y z
N MET A 3 -16.49 -3.47 -16.99
CA MET A 3 -15.56 -2.74 -17.84
C MET A 3 -14.52 -3.67 -18.46
N LYS A 4 -14.43 -3.65 -19.78
CA LYS A 4 -13.53 -4.54 -20.52
C LYS A 4 -12.80 -3.83 -21.66
N LEU A 5 -11.74 -4.46 -22.15
CA LEU A 5 -11.06 -4.02 -23.37
C LEU A 5 -11.00 -5.20 -24.31
N PHE A 6 -11.02 -4.92 -25.62
CA PHE A 6 -11.01 -5.97 -26.64
C PHE A 6 -9.93 -5.73 -27.67
N ALA A 7 -9.19 -6.78 -28.00
CA ALA A 7 -8.11 -6.68 -28.97
C ALA A 7 -7.61 -8.06 -29.35
N GLN A 8 -7.26 -8.21 -30.63
CA GLN A 8 -6.67 -9.44 -31.14
C GLN A 8 -7.51 -10.66 -30.81
N GLY A 9 -8.83 -10.47 -30.81
CA GLY A 9 -9.76 -11.56 -30.63
C GLY A 9 -9.90 -12.08 -29.22
N THR A 10 -9.36 -11.35 -28.25
CA THR A 10 -9.54 -11.70 -26.84
C THR A 10 -10.00 -10.47 -26.09
N SER A 11 -10.09 -10.60 -24.77
CA SER A 11 -10.54 -9.49 -23.94
C SER A 11 -9.81 -9.45 -22.61
N LEU A 12 -9.83 -8.27 -22.01
CA LEU A 12 -9.21 -8.07 -20.72
C LEU A 12 -10.27 -7.57 -19.77
N ASP A 13 -10.55 -8.37 -18.74
CA ASP A 13 -11.61 -8.04 -17.80
C ASP A 13 -11.05 -7.16 -16.67
N LEU A 14 -11.51 -5.91 -16.62
CA LEU A 14 -10.96 -4.95 -15.67
C LEU A 14 -11.87 -4.77 -14.46
N SER A 15 -12.36 -5.87 -13.93
CA SER A 15 -13.20 -5.86 -12.73
C SER A 15 -12.34 -5.98 -11.48
N HIS A 16 -11.07 -6.32 -11.67
CA HIS A 16 -10.06 -6.36 -10.62
C HIS A 16 -8.76 -5.74 -11.17
N PRO A 17 -7.88 -5.24 -10.29
CA PRO A 17 -6.65 -4.63 -10.81
C PRO A 17 -5.75 -5.64 -11.52
N HIS A 18 -5.21 -5.23 -12.67
CA HIS A 18 -4.24 -6.06 -13.38
C HIS A 18 -2.82 -5.54 -13.17
N VAL A 19 -1.86 -6.45 -13.16
CA VAL A 19 -0.47 -6.06 -13.07
C VAL A 19 0.18 -6.14 -14.45
N MET A 20 0.80 -5.05 -14.87
CA MET A 20 1.50 -4.97 -16.13
C MET A 20 3.00 -5.03 -15.88
N GLY A 21 3.66 -6.07 -16.36
CA GLY A 21 5.09 -6.21 -16.13
C GLY A 21 5.87 -5.48 -17.21
N ILE A 22 6.95 -4.81 -16.81
CA ILE A 22 7.76 -3.99 -17.69
C ILE A 22 8.85 -4.81 -18.36
N LEU A 23 8.85 -4.83 -19.70
CA LEU A 23 9.88 -5.52 -20.48
C LEU A 23 10.65 -4.49 -21.30
N ASN A 24 11.73 -4.00 -20.71
CA ASN A 24 12.56 -2.95 -21.30
C ASN A 24 13.57 -3.56 -22.28
N VAL A 25 13.40 -3.32 -23.58
CA VAL A 25 14.38 -3.84 -24.54
C VAL A 25 15.23 -2.74 -25.20
N THR A 26 15.69 -1.77 -24.42
CA THR A 26 16.70 -0.84 -24.90
C THR A 26 18.12 -1.32 -24.60
N ASN A 37 20.53 -13.53 -28.22
CA ASN A 37 20.79 -13.17 -26.83
C ASN A 37 19.71 -12.23 -26.30
N SER A 38 19.51 -11.11 -26.99
CA SER A 38 18.49 -10.14 -26.59
C SER A 38 17.07 -10.69 -26.68
N LEU A 39 16.73 -11.29 -27.81
CA LEU A 39 15.41 -11.88 -27.97
C LEU A 39 15.20 -13.00 -26.96
N ILE A 40 16.22 -13.83 -26.81
CA ILE A 40 16.19 -14.99 -25.92
C ILE A 40 15.89 -14.54 -24.48
N ASP A 41 16.68 -13.58 -24.01
CA ASP A 41 16.54 -13.08 -22.65
C ASP A 41 15.21 -12.39 -22.42
N ALA A 42 14.75 -11.63 -23.43
CA ALA A 42 13.47 -10.94 -23.33
C ALA A 42 12.34 -11.91 -23.08
N VAL A 43 12.34 -13.00 -23.85
CA VAL A 43 11.28 -14.00 -23.72
C VAL A 43 11.39 -14.76 -22.39
N LYS A 44 12.61 -14.98 -21.92
CA LYS A 44 12.81 -15.56 -20.60
C LYS A 44 12.14 -14.67 -19.54
N HIS A 45 12.42 -13.38 -19.59
CA HIS A 45 11.91 -12.44 -18.60
C HIS A 45 10.38 -12.38 -18.67
N ALA A 46 9.83 -12.40 -19.88
CA ALA A 46 8.39 -12.34 -20.05
C ALA A 46 7.72 -13.55 -19.43
N ASN A 47 8.40 -14.69 -19.54
CA ASN A 47 7.89 -15.94 -18.98
C ASN A 47 7.86 -15.88 -17.45
N LEU A 48 8.93 -15.37 -16.86
CA LEU A 48 8.99 -15.20 -15.41
C LEU A 48 7.90 -14.27 -14.90
N MET A 49 7.70 -13.17 -15.62
CA MET A 49 6.68 -12.19 -15.25
C MET A 49 5.28 -12.75 -15.37
N ILE A 50 5.03 -13.51 -16.44
CA ILE A 50 3.75 -14.19 -16.59
C ILE A 50 3.51 -15.21 -15.45
N ASN A 51 4.54 -15.98 -15.12
CA ASN A 51 4.44 -16.96 -14.02
C ASN A 51 4.19 -16.28 -12.68
N ALA A 52 4.73 -15.06 -12.54
CA ALA A 52 4.58 -14.27 -11.31
C ALA A 52 3.22 -13.62 -11.23
N GLY A 53 2.42 -13.74 -12.31
CA GLY A 53 1.05 -13.25 -12.31
C GLY A 53 0.78 -11.99 -13.12
N ALA A 54 1.73 -11.54 -13.93
CA ALA A 54 1.46 -10.41 -14.82
C ALA A 54 0.47 -10.84 -15.90
N THR A 55 -0.54 -10.01 -16.17
CA THR A 55 -1.51 -10.33 -17.22
C THR A 55 -1.36 -9.45 -18.46
N ILE A 56 -0.48 -8.46 -18.38
CA ILE A 56 -0.05 -7.66 -19.54
C ILE A 56 1.47 -7.51 -19.49
N ILE A 57 2.13 -7.61 -20.64
CA ILE A 57 3.55 -7.36 -20.73
C ILE A 57 3.79 -6.11 -21.57
N ASP A 58 4.57 -5.18 -21.03
CA ASP A 58 4.77 -3.88 -21.66
C ASP A 58 6.13 -3.82 -22.34
N VAL A 59 6.16 -3.89 -23.67
CA VAL A 59 7.44 -3.91 -24.39
C VAL A 59 7.79 -2.53 -24.92
N GLY A 60 8.97 -2.04 -24.55
CA GLY A 60 9.39 -0.71 -24.95
C GLY A 60 10.81 -0.70 -25.45
N GLY A 61 11.03 -0.17 -26.65
CA GLY A 61 12.36 -0.10 -27.23
C GLY A 61 13.00 1.27 -27.36
N GLU A 62 12.35 2.32 -26.86
CA GLU A 62 12.95 3.64 -26.84
C GLU A 62 12.89 4.22 -25.44
N SER A 63 14.00 4.76 -24.95
CA SER A 63 14.00 5.27 -23.58
C SER A 63 12.99 6.39 -23.40
N THR A 64 12.32 6.40 -22.26
CA THR A 64 11.35 7.43 -21.90
C THR A 64 11.84 8.23 -20.68
N ARG A 65 13.13 8.07 -20.36
CA ARG A 65 13.74 8.76 -19.24
C ARG A 65 14.06 10.22 -19.58
N PRO A 66 14.14 11.08 -18.55
CA PRO A 66 14.50 12.48 -18.76
C PRO A 66 15.84 12.59 -19.49
N GLY A 67 15.89 13.38 -20.56
CA GLY A 67 17.11 13.57 -21.30
C GLY A 67 17.46 12.50 -22.33
N ALA A 68 16.59 11.52 -22.50
CA ALA A 68 16.86 10.36 -23.35
C ALA A 68 17.13 10.76 -24.81
N ALA A 69 17.98 10.00 -25.46
CA ALA A 69 18.21 10.16 -26.90
C ALA A 69 17.10 9.46 -27.67
N GLU A 70 16.71 10.03 -28.81
CA GLU A 70 15.75 9.38 -29.69
C GLU A 70 16.36 8.10 -30.25
N VAL A 71 15.51 7.22 -30.76
CA VAL A 71 15.98 6.00 -31.42
C VAL A 71 15.36 5.95 -32.83
N SER A 72 16.16 5.56 -33.84
CA SER A 72 15.66 5.55 -35.21
C SER A 72 14.53 4.53 -35.32
N VAL A 73 13.65 4.68 -36.31
CA VAL A 73 12.56 3.72 -36.45
C VAL A 73 13.07 2.30 -36.79
N GLU A 74 14.15 2.20 -37.56
CA GLU A 74 14.64 0.87 -37.95
C GLU A 74 15.18 0.13 -36.71
N GLU A 75 15.84 0.84 -35.79
CA GLU A 75 16.38 0.20 -34.59
C GLU A 75 15.27 -0.13 -33.59
N GLU A 76 14.26 0.73 -33.51
CA GLU A 76 13.14 0.46 -32.62
C GLU A 76 12.37 -0.75 -33.14
N LEU A 77 12.24 -0.86 -34.46
CA LEU A 77 11.56 -2.02 -35.01
C LEU A 77 12.33 -3.30 -34.66
N GLN A 78 13.66 -3.24 -34.77
CA GLN A 78 14.47 -4.41 -34.50
C GLN A 78 14.38 -4.84 -33.04
N ARG A 79 14.26 -3.86 -32.14
CA ARG A 79 14.17 -4.17 -30.72
C ARG A 79 12.82 -4.73 -30.29
N VAL A 80 11.76 -4.19 -30.88
CA VAL A 80 10.41 -4.42 -30.38
C VAL A 80 9.62 -5.51 -31.10
N ILE A 81 9.64 -5.48 -32.43
CA ILE A 81 8.77 -6.38 -33.20
C ILE A 81 9.01 -7.88 -32.97
N PRO A 82 10.28 -8.34 -32.96
CA PRO A 82 10.46 -9.79 -32.75
C PRO A 82 10.16 -10.22 -31.32
N VAL A 83 10.22 -9.27 -30.38
CA VAL A 83 9.88 -9.59 -28.99
C VAL A 83 8.38 -9.77 -28.87
N VAL A 84 7.64 -8.80 -29.39
CA VAL A 84 6.18 -8.88 -29.42
C VAL A 84 5.72 -10.13 -30.16
N GLU A 85 6.34 -10.44 -31.30
CA GLU A 85 5.94 -11.60 -32.07
C GLU A 85 6.10 -12.89 -31.27
N ALA A 86 7.27 -13.04 -30.66
CA ALA A 86 7.63 -14.26 -29.95
C ALA A 86 6.72 -14.51 -28.75
N ILE A 87 6.35 -13.43 -28.07
CA ILE A 87 5.44 -13.53 -26.93
C ILE A 87 4.05 -13.92 -27.40
N ALA A 88 3.58 -13.25 -28.45
CA ALA A 88 2.21 -13.45 -28.93
C ALA A 88 1.99 -14.85 -29.48
N GLN A 89 3.07 -15.52 -29.88
CA GLN A 89 2.91 -16.86 -30.41
C GLN A 89 3.17 -17.95 -29.37
N ARG A 90 3.84 -17.60 -28.28
CA ARG A 90 4.11 -18.60 -27.25
C ARG A 90 3.15 -18.51 -26.05
N PHE A 91 2.67 -17.31 -25.76
CA PHE A 91 1.86 -17.09 -24.56
C PHE A 91 0.49 -16.50 -24.88
N GLU A 92 -0.40 -16.48 -23.89
CA GLU A 92 -1.75 -15.95 -24.04
C GLU A 92 -1.89 -14.58 -23.40
N VAL A 93 -0.80 -14.09 -22.83
CA VAL A 93 -0.81 -12.83 -22.09
C VAL A 93 -1.05 -11.66 -23.06
N TRP A 94 -1.69 -10.60 -22.58
CA TRP A 94 -1.81 -9.39 -23.40
C TRP A 94 -0.48 -8.66 -23.46
N ILE A 95 -0.30 -7.92 -24.55
CA ILE A 95 0.95 -7.24 -24.87
C ILE A 95 0.68 -5.76 -25.14
N SER A 96 1.37 -4.89 -24.42
CA SER A 96 1.33 -3.47 -24.80
C SER A 96 2.70 -3.03 -25.29
N VAL A 97 2.70 -2.02 -26.16
CA VAL A 97 3.92 -1.53 -26.77
C VAL A 97 4.08 -0.04 -26.48
N ASP A 98 5.25 0.34 -25.96
CA ASP A 98 5.56 1.74 -25.70
C ASP A 98 6.20 2.33 -26.92
N THR A 99 5.41 2.92 -27.80
CA THR A 99 5.99 3.58 -28.97
C THR A 99 5.22 4.82 -29.35
N SER A 100 5.96 5.76 -29.93
CA SER A 100 5.39 7.00 -30.46
C SER A 100 5.35 6.98 -31.99
N LYS A 101 5.95 5.97 -32.60
CA LYS A 101 6.13 5.92 -34.06
C LYS A 101 5.04 5.15 -34.81
N PRO A 102 4.38 5.80 -35.78
CA PRO A 102 3.34 5.20 -36.61
C PRO A 102 3.71 3.81 -37.11
N GLU A 103 4.94 3.66 -37.59
CA GLU A 103 5.34 2.40 -38.21
C GLU A 103 5.45 1.30 -37.16
N VAL A 104 5.92 1.64 -35.97
CA VAL A 104 6.02 0.62 -34.91
C VAL A 104 4.62 0.22 -34.47
N ILE A 105 3.72 1.19 -34.40
CA ILE A 105 2.32 0.90 -34.09
C ILE A 105 1.72 -0.09 -35.07
N ARG A 106 1.86 0.19 -36.36
CA ARG A 106 1.34 -0.72 -37.38
C ARG A 106 1.95 -2.12 -37.29
N GLU A 107 3.28 -2.19 -37.32
CA GLU A 107 3.98 -3.47 -37.31
C GLU A 107 3.73 -4.26 -36.02
N SER A 108 3.63 -3.55 -34.89
CA SER A 108 3.33 -4.22 -33.63
C SER A 108 1.97 -4.86 -33.67
N ALA A 109 0.98 -4.11 -34.14
CA ALA A 109 -0.37 -4.63 -34.27
C ALA A 109 -0.40 -5.87 -35.17
N LYS A 110 0.34 -5.81 -36.28
CA LYS A 110 0.42 -6.92 -37.23
C LYS A 110 0.90 -8.23 -36.57
N VAL A 111 1.82 -8.13 -35.61
CA VAL A 111 2.35 -9.34 -34.97
C VAL A 111 1.72 -9.64 -33.60
N GLY A 112 0.61 -8.97 -33.26
CA GLY A 112 -0.21 -9.41 -32.15
C GLY A 112 -0.29 -8.55 -30.89
N ALA A 113 0.29 -7.35 -30.91
CA ALA A 113 0.21 -6.45 -29.76
C ALA A 113 -1.25 -6.06 -29.49
N HIS A 114 -1.59 -5.85 -28.20
CA HIS A 114 -2.96 -5.61 -27.80
C HIS A 114 -3.25 -4.16 -27.42
N ILE A 115 -2.25 -3.47 -26.88
CA ILE A 115 -2.44 -2.11 -26.41
C ILE A 115 -1.34 -1.19 -26.89
N ILE A 116 -1.72 -0.05 -27.44
CA ILE A 116 -0.77 0.98 -27.82
C ILE A 116 -0.57 1.92 -26.65
N ASN A 117 0.64 1.92 -26.10
CA ASN A 117 0.94 2.73 -24.93
C ASN A 117 1.94 3.82 -25.25
N ASP A 118 1.44 4.96 -25.70
CA ASP A 118 2.34 6.03 -26.13
C ASP A 118 2.41 7.12 -25.07
N ILE A 119 3.61 7.35 -24.54
CA ILE A 119 3.82 8.43 -23.59
C ILE A 119 3.54 9.80 -24.21
N ARG A 120 3.61 9.89 -25.54
CA ARG A 120 3.34 11.14 -26.25
C ARG A 120 1.88 11.25 -26.71
N SER A 121 1.07 10.25 -26.36
CA SER A 121 -0.36 10.26 -26.69
C SER A 121 -0.64 10.48 -28.18
N LEU A 122 0.11 9.78 -29.03
CA LEU A 122 -0.10 9.84 -30.48
C LEU A 122 0.07 11.26 -31.04
N SER A 123 1.01 12.01 -30.49
CA SER A 123 1.23 13.38 -30.94
C SER A 123 2.11 13.45 -32.18
N GLU A 124 2.89 12.40 -32.43
CA GLU A 124 3.78 12.38 -33.59
C GLU A 124 2.97 12.34 -34.88
N PRO A 125 3.49 13.00 -35.95
CA PRO A 125 2.76 13.02 -37.23
C PRO A 125 2.41 11.62 -37.70
N GLY A 126 1.15 11.37 -38.02
CA GLY A 126 0.73 10.06 -38.47
C GLY A 126 0.42 9.04 -37.38
N ALA A 127 0.81 9.32 -36.13
CA ALA A 127 0.60 8.37 -35.05
C ALA A 127 -0.88 8.15 -34.79
N LEU A 128 -1.63 9.24 -34.71
CA LEU A 128 -3.06 9.18 -34.43
C LEU A 128 -3.78 8.31 -35.44
N GLU A 129 -3.46 8.52 -36.71
CA GLU A 129 -4.09 7.77 -37.78
C GLU A 129 -3.66 6.32 -37.79
N ALA A 130 -2.38 6.05 -37.54
CA ALA A 130 -1.93 4.66 -37.46
C ALA A 130 -2.59 3.90 -36.30
N ALA A 131 -2.71 4.56 -35.16
CA ALA A 131 -3.38 3.95 -34.00
C ALA A 131 -4.82 3.55 -34.33
N ALA A 132 -5.57 4.50 -34.87
CA ALA A 132 -6.97 4.28 -35.24
C ALA A 132 -7.09 3.12 -36.23
N GLU A 133 -6.18 3.07 -37.20
CA GLU A 133 -6.20 2.02 -38.20
C GLU A 133 -6.12 0.62 -37.58
N THR A 134 -5.35 0.51 -36.52
CA THR A 134 -5.15 -0.75 -35.81
C THR A 134 -6.41 -1.29 -35.16
N GLY A 135 -7.27 -0.39 -34.70
CA GLY A 135 -8.47 -0.76 -33.96
C GLY A 135 -8.21 -1.12 -32.51
N LEU A 136 -6.96 -0.97 -32.07
CA LEU A 136 -6.52 -1.37 -30.75
C LEU A 136 -6.80 -0.35 -29.65
N PRO A 137 -6.92 -0.83 -28.40
CA PRO A 137 -6.87 0.04 -27.23
C PRO A 137 -5.65 0.97 -27.25
N VAL A 138 -5.87 2.21 -26.81
CA VAL A 138 -4.86 3.23 -26.81
C VAL A 138 -4.81 3.91 -25.43
N CYS A 139 -3.63 3.99 -24.82
N CYS A 139 -3.61 4.01 -24.87
CA CYS A 139 -3.51 4.68 -23.53
CA CYS A 139 -3.44 4.70 -23.58
C CYS A 139 -3.08 6.12 -23.73
C CYS A 139 -3.08 6.16 -23.77
N LEU A 140 -3.81 7.04 -23.11
CA LEU A 140 -3.50 8.45 -23.16
C LEU A 140 -2.83 8.85 -21.85
N MET A 141 -1.55 9.17 -21.93
CA MET A 141 -0.76 9.50 -20.75
C MET A 141 -0.45 10.98 -20.74
N HIS A 142 -0.63 11.65 -19.61
CA HIS A 142 -0.27 13.05 -19.55
C HIS A 142 1.24 13.26 -19.41
N MET A 143 1.78 14.14 -20.23
CA MET A 143 3.14 14.62 -20.04
C MET A 143 3.18 16.12 -20.29
N GLN A 144 3.90 16.85 -19.45
CA GLN A 144 4.16 18.26 -19.72
C GLN A 144 5.44 18.36 -20.53
N GLY A 145 5.33 18.94 -21.72
CA GLY A 145 6.47 19.08 -22.63
C GLY A 145 6.90 17.77 -23.28
N ASN A 146 8.21 17.54 -23.31
CA ASN A 146 8.71 16.30 -23.89
C ASN A 146 9.90 15.78 -23.09
N PRO A 147 10.24 14.48 -23.26
CA PRO A 147 11.23 13.88 -22.36
C PRO A 147 12.58 14.57 -22.33
N LYS A 148 12.93 15.32 -23.38
CA LYS A 148 14.23 15.97 -23.39
C LYS A 148 14.31 17.02 -22.29
N THR A 149 13.22 17.74 -22.03
CA THR A 149 13.30 18.87 -21.11
C THR A 149 12.20 18.91 -20.04
N MET A 150 11.31 17.92 -20.05
CA MET A 150 10.15 17.91 -19.15
C MET A 150 10.52 18.06 -17.67
N GLN A 151 11.69 17.56 -17.27
CA GLN A 151 12.06 17.63 -15.87
C GLN A 151 12.93 18.83 -15.49
N GLU A 152 13.19 19.73 -16.43
CA GLU A 152 13.98 20.91 -16.09
C GLU A 152 13.28 21.81 -15.07
N ALA A 153 12.04 22.14 -15.32
CA ALA A 153 11.28 22.98 -14.41
C ALA A 153 9.79 22.73 -14.58
N PRO A 154 9.31 21.60 -14.06
CA PRO A 154 7.87 21.32 -14.14
C PRO A 154 7.11 22.41 -13.39
N LYS A 155 6.03 22.91 -13.97
CA LYS A 155 5.28 23.99 -13.34
C LYS A 155 3.80 23.88 -13.67
N TYR A 156 2.98 24.00 -12.64
CA TYR A 156 1.53 23.96 -12.77
C TYR A 156 0.93 25.01 -11.85
N ASP A 157 -0.12 25.67 -12.31
CA ASP A 157 -0.98 26.40 -11.38
C ASP A 157 -1.80 25.41 -10.57
N ASP A 158 -2.36 24.41 -11.26
CA ASP A 158 -3.20 23.40 -10.63
C ASP A 158 -2.99 22.11 -11.36
N VAL A 159 -2.11 21.23 -10.86
CA VAL A 159 -1.71 20.05 -11.65
C VAL A 159 -2.87 19.09 -11.89
N PHE A 160 -3.75 18.91 -10.92
CA PHE A 160 -4.90 18.03 -11.14
C PHE A 160 -5.79 18.58 -12.24
N ALA A 161 -6.07 19.87 -12.16
CA ALA A 161 -6.95 20.53 -13.10
C ALA A 161 -6.37 20.49 -14.52
N GLU A 162 -5.05 20.66 -14.63
CA GLU A 162 -4.43 20.72 -15.96
C GLU A 162 -4.33 19.34 -16.58
N VAL A 163 -4.07 18.33 -15.76
CA VAL A 163 -4.07 16.95 -16.23
C VAL A 163 -5.48 16.53 -16.65
N ASN A 164 -6.46 16.86 -15.81
CA ASN A 164 -7.85 16.59 -16.15
C ASN A 164 -8.24 17.24 -17.50
N ARG A 165 -7.86 18.50 -17.68
CA ARG A 165 -8.16 19.24 -18.92
C ARG A 165 -7.50 18.56 -20.13
N TYR A 166 -6.28 18.10 -19.93
CA TYR A 166 -5.57 17.37 -20.98
C TYR A 166 -6.33 16.11 -21.41
N PHE A 167 -6.84 15.36 -20.44
CA PHE A 167 -7.61 14.14 -20.77
C PHE A 167 -8.87 14.49 -21.59
N ILE A 168 -9.63 15.48 -21.13
CA ILE A 168 -10.78 15.98 -21.88
C ILE A 168 -10.40 16.24 -23.36
N GLU A 169 -9.37 17.06 -23.56
CA GLU A 169 -8.91 17.40 -24.91
C GLU A 169 -8.43 16.20 -25.73
N GLN A 170 -7.67 15.29 -25.12
CA GLN A 170 -7.12 14.18 -25.87
C GLN A 170 -8.18 13.15 -26.21
N ILE A 171 -9.16 12.99 -25.34
CA ILE A 171 -10.29 12.09 -25.60
C ILE A 171 -11.05 12.57 -26.83
N ALA A 172 -11.25 13.88 -26.89
CA ALA A 172 -11.91 14.51 -28.03
C ALA A 172 -11.10 14.28 -29.31
N ARG A 173 -9.79 14.46 -29.20
CA ARG A 173 -8.88 14.27 -30.32
C ARG A 173 -8.96 12.85 -30.87
N CYS A 174 -9.00 11.86 -29.97
CA CYS A 174 -9.09 10.47 -30.39
C CYS A 174 -10.45 10.12 -30.97
N GLU A 175 -11.52 10.61 -30.34
CA GLU A 175 -12.87 10.36 -30.85
C GLU A 175 -13.01 10.91 -32.26
N GLN A 176 -12.56 12.14 -32.49
CA GLN A 176 -12.68 12.76 -33.80
C GLN A 176 -11.91 11.99 -34.86
N ALA A 177 -10.83 11.32 -34.45
CA ALA A 177 -10.06 10.51 -35.39
C ALA A 177 -10.65 9.11 -35.53
N GLY A 178 -11.80 8.89 -34.90
CA GLY A 178 -12.48 7.62 -35.01
C GLY A 178 -12.07 6.57 -34.00
N ILE A 179 -11.30 6.97 -32.98
CA ILE A 179 -11.01 6.07 -31.88
C ILE A 179 -12.04 6.31 -30.79
N ALA A 180 -12.93 5.33 -30.59
CA ALA A 180 -14.03 5.48 -29.64
C ALA A 180 -13.56 5.42 -28.19
N LYS A 181 -14.34 6.02 -27.30
CA LYS A 181 -14.04 6.04 -25.87
C LYS A 181 -13.77 4.64 -25.32
N GLU A 182 -14.52 3.67 -25.84
CA GLU A 182 -14.43 2.30 -25.39
C GLU A 182 -13.05 1.65 -25.60
N LYS A 183 -12.18 2.33 -26.35
CA LYS A 183 -10.83 1.84 -26.59
C LYS A 183 -9.79 2.55 -25.74
N LEU A 184 -10.17 3.63 -25.05
CA LEU A 184 -9.19 4.51 -24.41
C LEU A 184 -8.88 4.12 -22.95
N LEU A 185 -7.63 4.35 -22.55
CA LEU A 185 -7.22 4.27 -21.15
C LEU A 185 -6.58 5.60 -20.80
N LEU A 186 -6.67 6.00 -19.53
CA LEU A 186 -6.05 7.23 -19.05
C LEU A 186 -4.95 6.95 -18.01
N ASP A 187 -3.88 7.72 -18.11
CA ASP A 187 -2.72 7.59 -17.25
C ASP A 187 -2.22 8.99 -16.89
N PRO A 188 -2.19 9.32 -15.60
CA PRO A 188 -1.74 10.67 -15.25
C PRO A 188 -0.25 10.92 -15.52
N GLY A 189 0.50 9.89 -15.90
CA GLY A 189 1.92 10.05 -16.22
C GLY A 189 2.82 10.48 -15.06
N PHE A 190 2.89 9.68 -14.00
CA PHE A 190 3.72 10.07 -12.88
C PHE A 190 5.16 10.25 -13.34
N GLY A 191 5.78 11.37 -12.98
CA GLY A 191 7.16 11.62 -13.31
C GLY A 191 7.37 12.35 -14.62
N PHE A 192 6.33 12.48 -15.44
CA PHE A 192 6.49 13.05 -16.78
C PHE A 192 6.17 14.55 -16.78
N GLY A 193 7.19 15.34 -16.48
CA GLY A 193 7.06 16.79 -16.36
C GLY A 193 6.37 17.12 -15.04
N LYS A 194 6.81 16.51 -13.96
CA LYS A 194 6.19 16.70 -12.65
C LYS A 194 7.24 16.61 -11.55
N ASN A 195 7.16 17.47 -10.54
CA ASN A 195 8.06 17.32 -9.42
C ASN A 195 7.39 16.42 -8.37
N LEU A 196 8.07 16.25 -7.23
CA LEU A 196 7.60 15.34 -6.20
C LEU A 196 6.19 15.69 -5.74
N SER A 197 5.96 16.96 -5.42
CA SER A 197 4.66 17.37 -4.90
C SER A 197 3.57 17.28 -5.98
N HIS A 198 3.92 17.49 -7.25
CA HIS A 198 2.94 17.30 -8.32
C HIS A 198 2.50 15.84 -8.36
N ASN A 199 3.46 14.93 -8.26
CA ASN A 199 3.15 13.51 -8.29
C ASN A 199 2.22 13.09 -7.16
N TYR A 200 2.50 13.55 -5.95
CA TYR A 200 1.64 13.14 -4.84
C TYR A 200 0.28 13.83 -4.89
N SER A 201 0.20 15.04 -5.45
CA SER A 201 -1.12 15.67 -5.61
C SER A 201 -1.99 14.83 -6.53
N LEU A 202 -1.41 14.27 -7.58
CA LEU A 202 -2.17 13.46 -8.51
C LEU A 202 -2.55 12.12 -7.90
N LEU A 203 -1.61 11.49 -7.21
CA LEU A 203 -1.88 10.21 -6.58
C LEU A 203 -2.99 10.37 -5.52
N ALA A 204 -2.94 11.47 -4.77
CA ALA A 204 -3.94 11.72 -3.73
C ALA A 204 -5.35 11.85 -4.30
N ARG A 205 -5.45 12.32 -5.54
CA ARG A 205 -6.75 12.61 -6.12
C ARG A 205 -7.08 11.70 -7.29
N LEU A 206 -6.42 10.55 -7.35
CA LEU A 206 -6.51 9.68 -8.52
C LEU A 206 -7.95 9.23 -8.77
N ALA A 207 -8.68 8.94 -7.69
CA ALA A 207 -10.07 8.46 -7.80
C ALA A 207 -10.96 9.42 -8.58
N GLU A 208 -10.65 10.71 -8.53
CA GLU A 208 -11.47 11.72 -9.19
C GLU A 208 -11.39 11.66 -10.72
N PHE A 209 -10.42 10.93 -11.25
CA PHE A 209 -10.33 10.75 -12.70
C PHE A 209 -11.31 9.68 -13.20
N HIS A 210 -12.03 9.04 -12.28
CA HIS A 210 -13.01 8.02 -12.67
C HIS A 210 -14.23 8.62 -13.35
N HIS A 211 -14.35 9.94 -13.31
CA HIS A 211 -15.52 10.59 -13.91
C HIS A 211 -15.58 10.40 -15.42
N PHE A 212 -14.44 10.09 -16.04
CA PHE A 212 -14.38 9.86 -17.49
C PHE A 212 -15.00 8.52 -17.84
N ASN A 213 -15.19 7.72 -16.80
CA ASN A 213 -15.64 6.33 -16.92
C ASN A 213 -14.77 5.52 -17.86
N LEU A 214 -13.46 5.67 -17.69
CA LEU A 214 -12.46 4.99 -18.51
C LEU A 214 -11.48 4.22 -17.61
N PRO A 215 -10.86 3.16 -18.15
CA PRO A 215 -9.80 2.48 -17.41
C PRO A 215 -8.66 3.43 -17.04
N LEU A 216 -8.17 3.31 -15.81
CA LEU A 216 -7.01 4.07 -15.34
C LEU A 216 -5.77 3.20 -15.26
N LEU A 217 -4.69 3.67 -15.87
CA LEU A 217 -3.41 2.98 -15.82
C LEU A 217 -2.45 3.88 -15.07
N VAL A 218 -1.63 3.31 -14.19
CA VAL A 218 -0.63 4.13 -13.50
C VAL A 218 0.71 3.42 -13.50
N GLY A 219 1.78 4.19 -13.53
CA GLY A 219 3.11 3.61 -13.45
C GLY A 219 3.93 4.40 -12.46
N MET A 220 4.23 3.81 -11.30
CA MET A 220 5.02 4.51 -10.30
C MET A 220 6.26 3.72 -9.84
N SER A 221 6.32 2.45 -10.25
CA SER A 221 7.34 1.49 -9.83
C SER A 221 8.78 2.02 -9.83
N ARG A 222 9.41 2.04 -8.66
CA ARG A 222 10.80 2.49 -8.51
C ARG A 222 11.08 3.90 -9.04
N LYS A 223 10.05 4.72 -9.18
CA LYS A 223 10.28 6.06 -9.74
C LYS A 223 10.77 7.07 -8.70
N SER A 224 11.16 8.24 -9.19
CA SER A 224 11.74 9.27 -8.36
C SER A 224 10.79 9.78 -7.30
N MET A 225 9.49 9.66 -7.53
CA MET A 225 8.56 10.11 -6.50
C MET A 225 8.72 9.23 -5.27
N ILE A 226 9.26 8.04 -5.43
CA ILE A 226 9.62 7.25 -4.25
C ILE A 226 11.05 7.56 -3.79
N GLY A 227 11.98 7.56 -4.75
CA GLY A 227 13.37 7.84 -4.47
C GLY A 227 13.64 9.17 -3.78
N GLN A 228 13.03 10.24 -4.29
CA GLN A 228 13.26 11.56 -3.71
C GLN A 228 12.58 11.68 -2.35
N LEU A 229 11.56 10.86 -2.12
CA LEU A 229 10.86 10.91 -0.84
C LEU A 229 11.63 10.15 0.24
N LEU A 230 12.23 9.03 -0.14
CA LEU A 230 12.99 8.18 0.78
C LEU A 230 14.49 8.45 0.75
N ASN A 231 14.94 9.16 -0.28
CA ASN A 231 16.37 9.41 -0.55
C ASN A 231 17.18 8.12 -0.76
N VAL A 232 16.60 7.18 -1.51
CA VAL A 232 17.31 5.94 -1.83
C VAL A 232 17.42 5.74 -3.33
N GLY A 233 18.30 4.82 -3.73
CA GLY A 233 18.50 4.52 -5.14
C GLY A 233 17.42 3.57 -5.64
N PRO A 234 17.47 3.27 -6.95
CA PRO A 234 16.45 2.49 -7.65
C PRO A 234 16.22 1.08 -7.09
N SER A 235 17.24 0.48 -6.48
CA SER A 235 17.08 -0.90 -6.00
C SER A 235 16.50 -0.97 -4.59
N GLU A 236 16.32 0.18 -3.95
CA GLU A 236 15.80 0.19 -2.57
C GLU A 236 14.36 0.68 -2.49
N ARG A 237 13.65 0.61 -3.61
CA ARG A 237 12.36 1.29 -3.71
C ARG A 237 11.14 0.37 -3.74
N LEU A 238 11.34 -0.92 -3.47
CA LEU A 238 10.23 -1.87 -3.58
C LEU A 238 9.08 -1.56 -2.59
N SER A 239 9.40 -1.26 -1.34
CA SER A 239 8.33 -1.06 -0.36
C SER A 239 7.51 0.18 -0.71
N GLY A 240 8.19 1.27 -1.06
CA GLY A 240 7.54 2.47 -1.54
C GLY A 240 6.71 2.25 -2.80
N SER A 241 7.23 1.45 -3.74
CA SER A 241 6.51 1.15 -4.97
C SER A 241 5.23 0.38 -4.71
N LEU A 242 5.31 -0.57 -3.78
CA LEU A 242 4.13 -1.33 -3.37
C LEU A 242 3.10 -0.41 -2.72
N ALA A 243 3.56 0.48 -1.86
CA ALA A 243 2.66 1.43 -1.22
C ALA A 243 1.94 2.27 -2.28
N CYS A 244 2.68 2.78 -3.25
CA CYS A 244 2.07 3.52 -4.36
C CYS A 244 1.03 2.67 -5.10
N ALA A 245 1.43 1.46 -5.50
CA ALA A 245 0.54 0.53 -6.18
C ALA A 245 -0.75 0.30 -5.39
N VAL A 246 -0.62 0.03 -4.10
CA VAL A 246 -1.78 -0.21 -3.24
C VAL A 246 -2.66 1.04 -3.14
N ILE A 247 -2.04 2.20 -2.98
CA ILE A 247 -2.77 3.46 -2.89
C ILE A 247 -3.59 3.69 -4.18
N ALA A 248 -2.98 3.37 -5.32
CA ALA A 248 -3.62 3.57 -6.60
C ALA A 248 -4.78 2.59 -6.78
N ALA A 249 -4.51 1.33 -6.50
CA ALA A 249 -5.50 0.28 -6.70
C ALA A 249 -6.69 0.41 -5.74
N MET A 250 -6.44 0.91 -4.54
CA MET A 250 -7.51 1.13 -3.55
C MET A 250 -8.45 2.22 -4.02
N GLN A 251 -7.93 3.09 -4.88
CA GLN A 251 -8.74 4.15 -5.48
C GLN A 251 -9.30 3.73 -6.82
N GLY A 252 -9.21 2.43 -7.12
CA GLY A 252 -9.86 1.88 -8.30
C GLY A 252 -9.05 1.92 -9.59
N ALA A 253 -7.73 2.09 -9.51
CA ALA A 253 -6.89 2.01 -10.72
C ALA A 253 -7.01 0.60 -11.28
N HIS A 254 -7.05 0.49 -12.61
CA HIS A 254 -7.30 -0.80 -13.26
C HIS A 254 -6.05 -1.54 -13.66
N ILE A 255 -4.99 -0.83 -14.00
CA ILE A 255 -3.76 -1.48 -14.40
C ILE A 255 -2.60 -0.80 -13.72
N ILE A 256 -1.70 -1.61 -13.15
CA ILE A 256 -0.53 -1.11 -12.45
C ILE A 256 0.75 -1.57 -13.12
N ARG A 257 1.54 -0.63 -13.63
CA ARG A 257 2.72 -0.93 -14.42
C ARG A 257 3.95 -1.01 -13.54
N VAL A 258 4.56 -2.18 -13.46
CA VAL A 258 5.63 -2.37 -12.49
C VAL A 258 6.79 -3.22 -12.98
N HIS A 259 7.91 -3.10 -12.27
CA HIS A 259 9.06 -3.98 -12.45
C HIS A 259 8.91 -5.27 -11.65
N ASP A 260 8.40 -5.14 -10.43
CA ASP A 260 8.38 -6.26 -9.50
C ASP A 260 7.00 -6.91 -9.45
N VAL A 261 6.79 -7.89 -10.34
CA VAL A 261 5.45 -8.41 -10.55
C VAL A 261 4.92 -9.27 -9.39
N LYS A 262 5.72 -10.22 -8.92
CA LYS A 262 5.27 -11.15 -7.89
C LYS A 262 4.76 -10.39 -6.66
N GLU A 263 5.61 -9.52 -6.15
CA GLU A 263 5.25 -8.75 -4.96
C GLU A 263 4.03 -7.88 -5.23
N THR A 264 3.96 -7.27 -6.42
CA THR A 264 2.80 -6.43 -6.72
C THR A 264 1.50 -7.25 -6.83
N VAL A 265 1.57 -8.39 -7.51
CA VAL A 265 0.40 -9.26 -7.62
C VAL A 265 -0.12 -9.67 -6.21
N GLU A 266 0.80 -9.99 -5.31
CA GLU A 266 0.41 -10.33 -3.94
C GLU A 266 -0.30 -9.15 -3.27
N ALA A 267 0.22 -7.95 -3.49
CA ALA A 267 -0.38 -6.76 -2.88
C ALA A 267 -1.76 -6.51 -3.45
N MET A 268 -1.96 -6.80 -4.74
CA MET A 268 -3.25 -6.55 -5.37
C MET A 268 -4.31 -7.55 -4.94
N ARG A 269 -3.90 -8.76 -4.60
CA ARG A 269 -4.82 -9.75 -4.03
C ARG A 269 -5.43 -9.22 -2.75
N VAL A 270 -4.60 -8.64 -1.90
CA VAL A 270 -5.05 -8.05 -0.64
C VAL A 270 -5.98 -6.89 -0.92
N VAL A 271 -5.63 -6.06 -1.89
CA VAL A 271 -6.50 -4.95 -2.28
C VAL A 271 -7.84 -5.46 -2.78
N GLU A 272 -7.80 -6.51 -3.61
CA GLU A 272 -9.02 -7.07 -4.17
C GLU A 272 -9.93 -7.65 -3.08
N ALA A 273 -9.34 -8.38 -2.14
CA ALA A 273 -10.11 -8.91 -1.01
C ALA A 273 -10.78 -7.81 -0.21
N THR A 274 -10.07 -6.70 -0.02
CA THR A 274 -10.62 -5.57 0.74
C THR A 274 -11.75 -4.91 -0.06
N LEU A 275 -11.52 -4.71 -1.36
CA LEU A 275 -12.53 -4.08 -2.22
C LEU A 275 -13.81 -4.93 -2.31
N SER A 276 -13.67 -6.24 -2.37
CA SER A 276 -14.82 -7.15 -2.42
C SER A 276 -15.72 -6.98 -1.20
N ALA A 277 -15.09 -6.83 -0.04
CA ALA A 277 -15.82 -6.68 1.22
C ALA A 277 -16.44 -5.29 1.37
N LYS A 278 -16.06 -4.36 0.52
CA LYS A 278 -16.57 -3.00 0.63
C LYS A 278 -17.91 -2.83 -0.09
N GLU A 279 -18.64 -1.77 0.23
CA GLU A 279 -19.85 -1.43 -0.50
C GLU A 279 -19.49 -0.83 -1.85
N ARG A 282 -14.55 0.85 -3.56
CA ARG A 282 -13.60 1.88 -3.94
C ARG A 282 -13.38 2.92 -2.83
N TYR A 283 -12.15 3.41 -2.70
CA TYR A 283 -11.81 4.46 -1.73
C TYR A 283 -11.60 5.82 -2.37
N GLU A 284 -12.02 6.88 -1.69
CA GLU A 284 -11.88 8.24 -2.21
C GLU A 284 -11.87 9.24 -1.05
N SER B 2 -5.23 16.49 15.58
CA SER B 2 -4.68 17.04 16.81
C SER B 2 -4.53 15.95 17.88
N MET B 3 -4.66 14.69 17.47
CA MET B 3 -4.76 13.62 18.47
C MET B 3 -3.40 13.29 19.07
N LYS B 4 -3.35 13.26 20.40
CA LYS B 4 -2.12 12.96 21.11
C LYS B 4 -2.36 12.00 22.27
N LEU B 5 -1.31 11.29 22.63
CA LEU B 5 -1.32 10.48 23.85
C LEU B 5 -0.23 10.99 24.78
N PHE B 6 -0.45 10.87 26.09
CA PHE B 6 0.53 11.34 27.06
C PHE B 6 0.87 10.20 28.01
N ALA B 7 2.15 10.06 28.33
CA ALA B 7 2.61 9.03 29.25
C ALA B 7 4.06 9.25 29.62
N GLN B 8 4.37 9.01 30.89
CA GLN B 8 5.74 9.05 31.38
C GLN B 8 6.45 10.37 31.02
N GLY B 9 5.70 11.47 31.10
CA GLY B 9 6.26 12.78 30.83
C GLY B 9 6.53 13.14 29.39
N THR B 10 6.10 12.29 28.44
CA THR B 10 6.29 12.64 27.04
C THR B 10 4.98 12.46 26.31
N SER B 11 4.98 12.70 25.00
CA SER B 11 3.74 12.55 24.26
C SER B 11 3.97 11.95 22.88
N LEU B 12 2.93 11.32 22.39
CA LEU B 12 2.96 10.69 21.08
C LEU B 12 2.03 11.50 20.18
N ASP B 13 2.59 12.05 19.11
CA ASP B 13 1.85 12.91 18.18
C ASP B 13 1.20 12.02 17.11
N LEU B 14 -0.11 11.89 17.17
CA LEU B 14 -0.79 10.97 16.26
C LEU B 14 -1.35 11.67 15.02
N SER B 15 -0.66 12.71 14.58
CA SER B 15 -1.07 13.44 13.39
C SER B 15 -0.63 12.68 12.14
N HIS B 16 0.26 11.71 12.31
CA HIS B 16 0.74 10.87 11.22
C HIS B 16 0.86 9.45 11.74
N PRO B 17 0.89 8.45 10.85
CA PRO B 17 0.94 7.09 11.38
C PRO B 17 2.30 6.72 11.99
N HIS B 18 2.25 5.91 13.04
CA HIS B 18 3.43 5.42 13.72
C HIS B 18 3.58 3.92 13.49
N VAL B 19 4.81 3.49 13.32
CA VAL B 19 5.10 2.06 13.23
C VAL B 19 5.54 1.53 14.59
N MET B 20 4.85 0.47 15.04
CA MET B 20 5.16 -0.17 16.31
C MET B 20 5.84 -1.50 16.03
N GLY B 21 7.09 -1.64 16.45
CA GLY B 21 7.85 -2.85 16.18
C GLY B 21 7.61 -3.90 17.25
N ILE B 22 7.54 -5.17 16.85
CA ILE B 22 7.27 -6.26 17.78
C ILE B 22 8.59 -6.80 18.33
N LEU B 23 8.71 -6.76 19.65
CA LEU B 23 9.83 -7.36 20.36
C LEU B 23 9.34 -8.57 21.13
N ASN B 24 9.69 -9.77 20.68
CA ASN B 24 9.24 -10.97 21.37
C ASN B 24 10.26 -11.40 22.44
N VAL B 25 9.81 -11.46 23.70
CA VAL B 25 10.64 -12.00 24.77
C VAL B 25 9.89 -13.12 25.51
N THR B 26 9.03 -13.84 24.79
CA THR B 26 8.30 -14.97 25.36
C THR B 26 9.06 -16.27 25.06
N SER B 38 20.15 -12.43 26.02
CA SER B 38 18.73 -12.36 26.41
C SER B 38 18.24 -10.92 26.58
N LEU B 39 18.56 -10.33 27.72
CA LEU B 39 18.29 -8.91 27.94
C LEU B 39 19.13 -8.12 26.96
N ILE B 40 20.37 -8.56 26.80
CA ILE B 40 21.28 -8.06 25.77
C ILE B 40 20.67 -8.14 24.38
N ASP B 41 20.17 -9.31 24.01
CA ASP B 41 19.63 -9.50 22.67
C ASP B 41 18.32 -8.74 22.51
N ALA B 42 17.54 -8.59 23.58
CA ALA B 42 16.30 -7.84 23.51
C ALA B 42 16.58 -6.37 23.21
N VAL B 43 17.60 -5.83 23.87
CA VAL B 43 18.03 -4.45 23.68
C VAL B 43 18.60 -4.23 22.29
N LYS B 44 19.33 -5.22 21.79
CA LYS B 44 19.89 -5.07 20.45
C LYS B 44 18.80 -5.14 19.39
N HIS B 45 17.77 -5.96 19.62
CA HIS B 45 16.70 -6.01 18.63
C HIS B 45 15.90 -4.73 18.71
N ALA B 46 15.68 -4.21 19.91
CA ALA B 46 15.02 -2.92 20.03
C ALA B 46 15.81 -1.79 19.34
N ASN B 47 17.13 -1.82 19.43
CA ASN B 47 17.95 -0.82 18.78
C ASN B 47 17.79 -0.86 17.26
N LEU B 48 17.75 -2.06 16.71
CA LEU B 48 17.57 -2.22 15.25
C LEU B 48 16.24 -1.69 14.76
N MET B 49 15.19 -1.91 15.56
CA MET B 49 13.85 -1.48 15.16
C MET B 49 13.75 0.05 15.21
N ILE B 50 14.31 0.65 16.25
CA ILE B 50 14.36 2.11 16.37
C ILE B 50 15.15 2.75 15.23
N ASN B 51 16.29 2.14 14.88
CA ASN B 51 17.12 2.61 13.78
C ASN B 51 16.39 2.49 12.46
N ALA B 52 15.47 1.53 12.39
CA ALA B 52 14.64 1.34 11.20
C ALA B 52 13.43 2.27 11.20
N GLY B 53 13.18 2.94 12.31
CA GLY B 53 12.20 4.02 12.34
C GLY B 53 10.94 3.75 13.15
N ALA B 54 10.94 2.66 13.92
CA ALA B 54 9.85 2.40 14.85
C ALA B 54 9.84 3.46 15.95
N THR B 55 8.66 3.93 16.31
CA THR B 55 8.56 4.97 17.30
C THR B 55 7.87 4.42 18.54
N ILE B 56 7.40 3.18 18.43
CA ILE B 56 6.87 2.45 19.59
C ILE B 56 7.42 1.05 19.51
N ILE B 57 7.78 0.47 20.65
CA ILE B 57 8.18 -0.92 20.75
C ILE B 57 7.16 -1.69 21.60
N ASP B 58 6.63 -2.78 21.05
CA ASP B 58 5.66 -3.61 21.76
C ASP B 58 6.34 -4.81 22.42
N VAL B 59 6.36 -4.84 23.74
CA VAL B 59 7.06 -5.89 24.48
C VAL B 59 6.08 -6.93 25.03
N GLY B 60 6.26 -8.20 24.67
CA GLY B 60 5.39 -9.26 25.18
C GLY B 60 6.13 -10.37 25.91
N GLY B 61 5.68 -10.70 27.12
CA GLY B 61 6.34 -11.68 27.98
C GLY B 61 5.52 -12.90 28.37
N GLU B 62 4.29 -12.94 27.89
CA GLU B 62 3.49 -14.17 27.78
C GLU B 62 2.88 -14.10 26.39
N SER B 63 3.22 -15.05 25.52
CA SER B 63 2.82 -14.94 24.13
C SER B 63 1.30 -14.85 24.03
N THR B 64 0.82 -14.11 23.04
CA THR B 64 -0.60 -13.90 22.86
C THR B 64 -1.14 -14.90 21.82
N ARG B 65 -0.25 -15.72 21.28
CA ARG B 65 -0.61 -16.64 20.21
C ARG B 65 -1.56 -17.73 20.73
N PRO B 66 -2.21 -18.49 19.82
CA PRO B 66 -3.17 -19.46 20.36
C PRO B 66 -2.50 -20.63 21.08
N GLY B 67 -2.95 -20.92 22.29
CA GLY B 67 -2.44 -22.05 23.05
C GLY B 67 -1.02 -21.87 23.55
N ALA B 68 -0.52 -20.64 23.52
CA ALA B 68 0.79 -20.33 24.10
C ALA B 68 0.78 -20.73 25.57
N ALA B 69 1.93 -21.13 26.09
CA ALA B 69 2.03 -21.59 27.46
C ALA B 69 1.76 -20.45 28.44
N GLU B 70 0.82 -20.65 29.35
CA GLU B 70 0.55 -19.67 30.39
C GLU B 70 1.72 -19.65 31.35
N VAL B 71 2.01 -18.49 31.94
CA VAL B 71 3.10 -18.40 32.89
C VAL B 71 2.63 -17.77 34.20
N SER B 72 3.38 -17.99 35.27
CA SER B 72 3.08 -17.41 36.57
C SER B 72 3.33 -15.92 36.58
N VAL B 73 2.77 -15.23 37.57
CA VAL B 73 3.03 -13.81 37.75
C VAL B 73 4.52 -13.54 37.83
N GLU B 74 5.20 -14.31 38.66
CA GLU B 74 6.62 -14.13 38.90
C GLU B 74 7.43 -14.32 37.62
N GLU B 75 7.06 -15.32 36.80
CA GLU B 75 7.81 -15.57 35.59
C GLU B 75 7.63 -14.39 34.61
N GLU B 76 6.38 -13.98 34.42
CA GLU B 76 6.08 -12.89 33.49
C GLU B 76 6.80 -11.61 33.92
N LEU B 77 6.82 -11.33 35.22
CA LEU B 77 7.54 -10.17 35.76
C LEU B 77 9.03 -10.26 35.47
N GLN B 78 9.61 -11.44 35.68
CA GLN B 78 11.03 -11.63 35.39
C GLN B 78 11.34 -11.51 33.92
N ARG B 79 10.36 -11.83 33.07
CA ARG B 79 10.61 -11.75 31.64
C ARG B 79 10.43 -10.34 31.11
N VAL B 80 9.42 -9.66 31.61
CA VAL B 80 8.96 -8.40 31.04
C VAL B 80 9.64 -7.17 31.63
N ILE B 81 9.69 -7.10 32.96
CA ILE B 81 10.10 -5.86 33.62
C ILE B 81 11.53 -5.45 33.30
N PRO B 82 12.50 -6.38 33.32
CA PRO B 82 13.86 -5.94 32.99
C PRO B 82 14.00 -5.43 31.55
N VAL B 83 13.14 -5.90 30.66
CA VAL B 83 13.22 -5.48 29.26
C VAL B 83 12.63 -4.09 29.10
N VAL B 84 11.46 -3.85 29.69
CA VAL B 84 10.86 -2.53 29.67
C VAL B 84 11.83 -1.53 30.30
N GLU B 85 12.38 -1.88 31.45
CA GLU B 85 13.30 -1.02 32.16
C GLU B 85 14.54 -0.67 31.34
N ALA B 86 15.12 -1.66 30.68
CA ALA B 86 16.32 -1.45 29.89
C ALA B 86 16.04 -0.53 28.70
N ILE B 87 14.88 -0.69 28.08
CA ILE B 87 14.57 0.12 26.91
C ILE B 87 14.27 1.55 27.35
N ALA B 88 13.52 1.69 28.43
CA ALA B 88 13.11 3.01 28.92
C ALA B 88 14.34 3.83 29.33
N GLN B 89 15.37 3.14 29.82
CA GLN B 89 16.60 3.80 30.24
C GLN B 89 17.50 4.18 29.08
N ARG B 90 17.50 3.35 28.04
CA ARG B 90 18.39 3.55 26.92
C ARG B 90 17.84 4.31 25.71
N PHE B 91 16.53 4.38 25.58
CA PHE B 91 15.95 4.95 24.36
C PHE B 91 14.83 5.95 24.67
N GLU B 92 14.44 6.73 23.66
CA GLU B 92 13.36 7.70 23.82
C GLU B 92 12.05 7.15 23.26
N VAL B 93 12.14 5.98 22.63
CA VAL B 93 10.97 5.33 22.03
C VAL B 93 9.84 5.07 23.04
N TRP B 94 8.60 5.03 22.57
CA TRP B 94 7.52 4.64 23.44
C TRP B 94 7.50 3.11 23.56
N ILE B 95 7.01 2.65 24.70
CA ILE B 95 6.97 1.23 25.01
C ILE B 95 5.57 0.75 25.31
N SER B 96 5.16 -0.24 24.52
CA SER B 96 3.88 -0.90 24.71
C SER B 96 4.15 -2.22 25.42
N VAL B 97 3.35 -2.54 26.44
N VAL B 97 3.37 -2.54 26.46
CA VAL B 97 3.49 -3.80 27.14
CA VAL B 97 3.55 -3.83 27.12
C VAL B 97 2.29 -4.72 26.90
C VAL B 97 2.32 -4.72 26.91
N ASP B 98 2.55 -5.91 26.39
CA ASP B 98 1.49 -6.92 26.20
C ASP B 98 1.33 -7.73 27.46
N THR B 99 0.29 -7.45 28.23
CA THR B 99 0.03 -8.26 29.43
C THR B 99 -1.43 -8.18 29.80
N SER B 100 -1.88 -9.18 30.56
CA SER B 100 -3.23 -9.24 31.07
C SER B 100 -3.23 -9.19 32.61
N LYS B 101 -2.05 -9.25 33.22
CA LYS B 101 -1.95 -9.38 34.67
C LYS B 101 -1.79 -8.03 35.39
N PRO B 102 -2.65 -7.76 36.39
CA PRO B 102 -2.61 -6.52 37.20
C PRO B 102 -1.20 -6.20 37.66
N GLU B 103 -0.52 -7.17 38.25
CA GLU B 103 0.83 -6.97 38.78
C GLU B 103 1.84 -6.56 37.71
N VAL B 104 1.70 -7.09 36.50
CA VAL B 104 2.64 -6.74 35.45
C VAL B 104 2.32 -5.33 34.96
N ILE B 105 1.04 -5.03 34.84
CA ILE B 105 0.58 -3.69 34.51
C ILE B 105 1.19 -2.67 35.48
N ARG B 106 1.03 -2.91 36.79
CA ARG B 106 1.58 -2.01 37.79
C ARG B 106 3.07 -1.85 37.72
N GLU B 107 3.79 -2.96 37.66
CA GLU B 107 5.25 -2.87 37.68
C GLU B 107 5.85 -2.34 36.39
N SER B 108 5.18 -2.59 35.27
N SER B 108 5.18 -2.58 35.26
CA SER B 108 5.64 -2.09 33.98
CA SER B 108 5.68 -2.08 33.98
C SER B 108 5.61 -0.57 33.98
C SER B 108 5.59 -0.56 33.92
N ALA B 109 4.52 0.00 34.46
CA ALA B 109 4.35 1.45 34.55
C ALA B 109 5.43 2.05 35.43
N LYS B 110 5.82 1.32 36.47
CA LYS B 110 6.81 1.82 37.40
C LYS B 110 8.17 1.93 36.78
N VAL B 111 8.45 1.11 35.78
CA VAL B 111 9.75 1.20 35.16
C VAL B 111 9.68 1.84 33.77
N GLY B 112 8.57 2.45 33.42
CA GLY B 112 8.55 3.35 32.28
C GLY B 112 7.75 2.99 31.03
N ALA B 113 6.86 2.00 31.13
CA ALA B 113 5.98 1.66 29.99
C ALA B 113 5.03 2.79 29.68
N HIS B 114 4.66 2.93 28.41
CA HIS B 114 3.83 4.04 27.99
C HIS B 114 2.42 3.60 27.68
N ILE B 115 2.29 2.39 27.16
CA ILE B 115 0.99 1.88 26.75
C ILE B 115 0.76 0.46 27.28
N ILE B 116 -0.42 0.25 27.85
CA ILE B 116 -0.88 -1.07 28.27
C ILE B 116 -1.63 -1.69 27.13
N ASN B 117 -1.07 -2.76 26.59
CA ASN B 117 -1.65 -3.37 25.42
C ASN B 117 -2.19 -4.73 25.78
N ASP B 118 -3.45 -4.79 26.18
CA ASP B 118 -3.99 -6.06 26.63
C ASP B 118 -4.97 -6.64 25.63
N ILE B 119 -4.61 -7.78 25.08
CA ILE B 119 -5.45 -8.42 24.11
C ILE B 119 -6.77 -8.81 24.76
N ARG B 120 -6.76 -9.02 26.07
CA ARG B 120 -7.96 -9.41 26.79
C ARG B 120 -8.75 -8.19 27.26
N SER B 121 -8.31 -7.00 26.87
CA SER B 121 -8.99 -5.75 27.22
C SER B 121 -9.24 -5.60 28.74
N LEU B 122 -8.24 -5.93 29.55
CA LEU B 122 -8.34 -5.74 31.01
C LEU B 122 -9.48 -6.55 31.62
N SER B 123 -9.68 -7.76 31.11
CA SER B 123 -10.76 -8.62 31.57
C SER B 123 -10.41 -9.44 32.82
N GLU B 124 -9.13 -9.71 33.04
CA GLU B 124 -8.71 -10.49 34.20
C GLU B 124 -8.98 -9.72 35.49
N PRO B 125 -9.21 -10.46 36.60
CA PRO B 125 -9.49 -9.80 37.88
C PRO B 125 -8.37 -8.85 38.29
N GLY B 126 -8.72 -7.60 38.56
CA GLY B 126 -7.72 -6.64 38.99
C GLY B 126 -7.16 -5.79 37.86
N ALA B 127 -7.16 -6.33 36.65
CA ALA B 127 -6.50 -5.64 35.54
C ALA B 127 -7.09 -4.25 35.28
N LEU B 128 -8.41 -4.11 35.32
CA LEU B 128 -9.04 -2.83 35.02
C LEU B 128 -8.61 -1.79 36.04
N GLU B 129 -8.65 -2.15 37.32
CA GLU B 129 -8.24 -1.25 38.38
C GLU B 129 -6.77 -0.91 38.28
N ALA B 130 -5.93 -1.91 38.04
CA ALA B 130 -4.50 -1.66 37.98
C ALA B 130 -4.18 -0.71 36.81
N ALA B 131 -4.90 -0.86 35.71
CA ALA B 131 -4.64 -0.02 34.54
C ALA B 131 -5.01 1.42 34.88
N ALA B 132 -6.18 1.58 35.52
CA ALA B 132 -6.65 2.92 35.87
C ALA B 132 -5.67 3.59 36.83
N GLU B 133 -5.13 2.83 37.78
CA GLU B 133 -4.13 3.38 38.71
C GLU B 133 -2.90 3.95 38.02
N THR B 134 -2.43 3.33 36.94
CA THR B 134 -1.20 3.77 36.30
C THR B 134 -1.35 5.10 35.59
N GLY B 135 -2.58 5.43 35.20
CA GLY B 135 -2.86 6.63 34.42
C GLY B 135 -2.36 6.54 32.98
N LEU B 136 -1.96 5.36 32.55
CA LEU B 136 -1.40 5.19 31.20
C LEU B 136 -2.47 4.97 30.12
N PRO B 137 -2.13 5.29 28.87
CA PRO B 137 -3.00 4.90 27.76
C PRO B 137 -3.25 3.41 27.74
N VAL B 138 -4.45 3.03 27.30
CA VAL B 138 -4.88 1.63 27.27
C VAL B 138 -5.43 1.26 25.91
N CYS B 139 -4.89 0.21 25.29
CA CYS B 139 -5.44 -0.27 24.03
C CYS B 139 -6.52 -1.32 24.27
N LEU B 140 -7.72 -1.03 23.77
CA LEU B 140 -8.84 -1.97 23.80
C LEU B 140 -8.89 -2.77 22.50
N MET B 141 -8.68 -4.08 22.59
CA MET B 141 -8.72 -4.91 21.38
C MET B 141 -9.93 -5.83 21.39
N HIS B 142 -10.56 -6.02 20.23
CA HIS B 142 -11.66 -6.98 20.14
C HIS B 142 -11.14 -8.39 19.89
N MET B 143 -11.72 -9.33 20.64
CA MET B 143 -11.43 -10.75 20.51
C MET B 143 -12.68 -11.57 20.85
N GLN B 144 -12.95 -12.61 20.07
CA GLN B 144 -14.01 -13.56 20.41
C GLN B 144 -13.43 -14.86 20.94
N PRO B 154 -16.01 -19.52 14.84
CA PRO B 154 -15.84 -18.11 14.45
C PRO B 154 -17.00 -17.64 13.55
N LYS B 155 -17.93 -16.87 14.11
CA LYS B 155 -19.06 -16.39 13.31
C LYS B 155 -19.72 -15.12 13.87
N TYR B 156 -20.22 -14.29 12.95
CA TYR B 156 -20.85 -13.00 13.28
C TYR B 156 -22.02 -12.74 12.34
N ASP B 157 -23.06 -12.07 12.85
CA ASP B 157 -24.15 -11.64 11.99
C ASP B 157 -23.68 -10.45 11.14
N ASP B 158 -22.94 -9.56 11.79
CA ASP B 158 -22.36 -8.36 11.19
C ASP B 158 -21.11 -8.04 12.00
N VAL B 159 -19.97 -8.51 11.52
CA VAL B 159 -18.74 -8.49 12.32
C VAL B 159 -18.37 -7.06 12.71
N PHE B 160 -18.59 -6.11 11.80
CA PHE B 160 -18.35 -4.71 12.10
C PHE B 160 -19.25 -4.21 13.23
N ALA B 161 -20.52 -4.53 13.14
CA ALA B 161 -21.49 -4.09 14.14
C ALA B 161 -21.15 -4.70 15.50
N GLU B 162 -20.77 -5.97 15.51
CA GLU B 162 -20.37 -6.63 16.75
C GLU B 162 -19.12 -6.02 17.35
N VAL B 163 -18.14 -5.73 16.51
CA VAL B 163 -16.91 -5.12 16.99
C VAL B 163 -17.24 -3.72 17.50
N ASN B 164 -18.10 -3.01 16.77
CA ASN B 164 -18.48 -1.66 17.21
C ASN B 164 -19.21 -1.69 18.55
N ARG B 165 -20.06 -2.68 18.78
CA ARG B 165 -20.78 -2.80 20.06
C ARG B 165 -19.82 -3.03 21.21
N TYR B 166 -18.87 -3.95 21.02
CA TYR B 166 -17.81 -4.21 21.96
C TYR B 166 -17.06 -2.94 22.39
N PHE B 167 -16.65 -2.13 21.42
CA PHE B 167 -15.96 -0.89 21.73
C PHE B 167 -16.83 0.02 22.59
N ILE B 168 -18.11 0.12 22.24
CA ILE B 168 -19.04 0.92 23.04
C ILE B 168 -19.06 0.42 24.48
N GLU B 169 -19.14 -0.90 24.60
CA GLU B 169 -19.20 -1.55 25.89
C GLU B 169 -17.94 -1.28 26.69
N GLN B 170 -16.80 -1.57 26.07
CA GLN B 170 -15.52 -1.46 26.75
C GLN B 170 -15.14 -0.03 27.11
N ILE B 171 -15.47 0.92 26.23
CA ILE B 171 -15.22 2.32 26.54
C ILE B 171 -15.96 2.74 27.82
N ALA B 172 -17.20 2.27 27.96
CA ALA B 172 -18.02 2.63 29.10
C ALA B 172 -17.42 2.03 30.37
N ARG B 173 -17.15 0.73 30.31
CA ARG B 173 -16.50 0.01 31.39
C ARG B 173 -15.21 0.72 31.84
N CYS B 174 -14.43 1.21 30.89
CA CYS B 174 -13.21 1.94 31.24
C CYS B 174 -13.53 3.28 31.90
N GLU B 175 -14.45 4.04 31.31
CA GLU B 175 -14.77 5.36 31.82
C GLU B 175 -15.33 5.27 33.23
N GLN B 176 -16.10 4.21 33.49
CA GLN B 176 -16.65 3.96 34.83
C GLN B 176 -15.55 3.74 35.85
N ALA B 177 -14.48 3.07 35.43
CA ALA B 177 -13.36 2.75 36.31
C ALA B 177 -12.39 3.92 36.44
N GLY B 178 -12.72 5.04 35.78
CA GLY B 178 -11.90 6.23 35.87
C GLY B 178 -10.84 6.37 34.78
N ILE B 179 -10.94 5.59 33.72
CA ILE B 179 -10.02 5.76 32.60
C ILE B 179 -10.72 6.60 31.55
N ALA B 180 -10.36 7.89 31.50
CA ALA B 180 -11.01 8.82 30.58
C ALA B 180 -10.77 8.40 29.13
N LYS B 181 -11.68 8.80 28.25
CA LYS B 181 -11.58 8.47 26.82
C LYS B 181 -10.25 8.91 26.22
N GLU B 182 -9.69 10.01 26.72
CA GLU B 182 -8.43 10.55 26.22
C GLU B 182 -7.25 9.58 26.40
N LYS B 183 -7.47 8.46 27.10
CA LYS B 183 -6.40 7.50 27.31
C LYS B 183 -6.57 6.24 26.46
N LEU B 184 -7.69 6.13 25.75
CA LEU B 184 -8.02 4.88 25.07
C LEU B 184 -7.55 4.83 23.61
N LEU B 185 -7.23 3.62 23.17
CA LEU B 185 -7.02 3.32 21.75
C LEU B 185 -7.89 2.13 21.44
N LEU B 186 -8.42 2.07 20.21
CA LEU B 186 -9.22 0.94 19.77
C LEU B 186 -8.48 0.09 18.75
N ASP B 187 -8.54 -1.23 18.91
CA ASP B 187 -7.99 -2.15 17.96
C ASP B 187 -9.03 -3.23 17.60
N PRO B 188 -9.29 -3.41 16.32
CA PRO B 188 -10.31 -4.39 15.88
C PRO B 188 -9.89 -5.85 16.05
N GLY B 189 -8.60 -6.10 16.29
CA GLY B 189 -8.14 -7.44 16.64
C GLY B 189 -8.12 -8.38 15.45
N PHE B 190 -7.34 -8.01 14.43
CA PHE B 190 -7.28 -8.85 13.25
C PHE B 190 -6.75 -10.22 13.61
N GLY B 191 -7.44 -11.26 13.12
CA GLY B 191 -7.04 -12.63 13.37
C GLY B 191 -7.47 -13.18 14.74
N PHE B 192 -8.22 -12.40 15.52
CA PHE B 192 -8.62 -12.86 16.87
C PHE B 192 -10.09 -13.23 16.93
N GLY B 193 -10.36 -14.51 16.67
CA GLY B 193 -11.72 -15.00 16.59
C GLY B 193 -12.40 -14.53 15.33
N LYS B 194 -11.68 -14.61 14.21
CA LYS B 194 -12.14 -14.05 12.93
C LYS B 194 -11.58 -14.83 11.74
N ASN B 195 -12.45 -15.15 10.79
CA ASN B 195 -11.99 -15.82 9.58
C ASN B 195 -11.58 -14.80 8.53
N LEU B 196 -11.11 -15.30 7.40
CA LEU B 196 -10.64 -14.46 6.29
C LEU B 196 -11.65 -13.37 5.95
N SER B 197 -12.88 -13.77 5.72
CA SER B 197 -13.95 -12.86 5.34
CA SER B 197 -13.95 -12.85 5.34
C SER B 197 -14.19 -11.76 6.37
N HIS B 198 -14.18 -12.14 7.65
CA HIS B 198 -14.41 -11.18 8.71
C HIS B 198 -13.31 -10.13 8.75
N ASN B 199 -12.07 -10.59 8.68
CA ASN B 199 -10.90 -9.73 8.69
C ASN B 199 -10.98 -8.69 7.58
N TYR B 200 -11.19 -9.12 6.34
CA TYR B 200 -11.26 -8.16 5.25
C TYR B 200 -12.48 -7.26 5.35
N SER B 201 -13.54 -7.77 5.99
CA SER B 201 -14.71 -6.94 6.22
C SER B 201 -14.36 -5.80 7.16
N LEU B 202 -13.58 -6.10 8.18
CA LEU B 202 -13.20 -5.08 9.14
C LEU B 202 -12.21 -4.11 8.50
N LEU B 203 -11.23 -4.65 7.77
CA LEU B 203 -10.26 -3.79 7.08
C LEU B 203 -10.98 -2.79 6.19
N ALA B 204 -11.93 -3.28 5.39
CA ALA B 204 -12.63 -2.46 4.40
C ALA B 204 -13.39 -1.30 5.04
N ARG B 205 -13.89 -1.53 6.25
CA ARG B 205 -14.73 -0.55 6.93
C ARG B 205 -14.01 0.12 8.09
N LEU B 206 -12.68 -0.01 8.12
CA LEU B 206 -11.88 0.48 9.26
C LEU B 206 -12.10 1.97 9.53
N ALA B 207 -12.23 2.77 8.48
CA ALA B 207 -12.40 4.22 8.66
C ALA B 207 -13.68 4.58 9.43
N GLU B 208 -14.66 3.70 9.43
CA GLU B 208 -15.92 4.01 10.12
C GLU B 208 -15.73 4.08 11.64
N PHE B 209 -14.67 3.45 12.14
CA PHE B 209 -14.38 3.43 13.59
C PHE B 209 -13.88 4.77 14.10
N HIS B 210 -13.64 5.72 13.20
CA HIS B 210 -13.22 7.06 13.62
C HIS B 210 -14.37 7.84 14.30
N HIS B 211 -15.58 7.30 14.29
CA HIS B 211 -16.67 8.05 14.89
C HIS B 211 -16.50 8.14 16.42
N PHE B 212 -15.71 7.23 16.99
CA PHE B 212 -15.38 7.26 18.42
C PHE B 212 -14.43 8.40 18.81
N ASN B 213 -13.80 9.00 17.80
CA ASN B 213 -12.79 10.04 18.01
CA ASN B 213 -12.78 10.03 18.01
C ASN B 213 -11.65 9.56 18.91
N LEU B 214 -11.25 8.29 18.71
CA LEU B 214 -10.14 7.70 19.44
C LEU B 214 -9.08 7.19 18.45
N PRO B 215 -7.83 7.05 18.91
CA PRO B 215 -6.79 6.42 18.09
C PRO B 215 -7.12 4.99 17.66
N LEU B 216 -6.79 4.63 16.42
CA LEU B 216 -6.92 3.25 15.94
C LEU B 216 -5.57 2.58 15.82
N LEU B 217 -5.47 1.39 16.41
CA LEU B 217 -4.25 0.60 16.37
C LEU B 217 -4.60 -0.67 15.64
N VAL B 218 -3.78 -1.10 14.69
CA VAL B 218 -4.05 -2.35 14.01
C VAL B 218 -2.81 -3.20 13.93
N GLY B 219 -3.00 -4.51 13.90
CA GLY B 219 -1.89 -5.43 13.69
C GLY B 219 -2.32 -6.50 12.71
N MET B 220 -1.71 -6.50 11.53
CA MET B 220 -2.04 -7.49 10.52
C MET B 220 -0.80 -8.22 10.08
N SER B 221 0.34 -7.72 10.53
CA SER B 221 1.65 -8.23 10.10
C SER B 221 1.78 -9.76 10.11
N ARG B 222 1.97 -10.34 8.92
CA ARG B 222 2.26 -11.78 8.73
C ARG B 222 1.13 -12.72 9.17
N LYS B 223 -0.07 -12.17 9.36
CA LYS B 223 -1.17 -12.98 9.90
C LYS B 223 -1.86 -13.85 8.87
N SER B 224 -2.85 -14.59 9.35
CA SER B 224 -3.55 -15.58 8.54
C SER B 224 -4.41 -14.96 7.46
N MET B 225 -4.84 -13.72 7.68
CA MET B 225 -5.65 -13.03 6.66
C MET B 225 -4.81 -12.74 5.42
N ILE B 226 -3.49 -12.75 5.57
CA ILE B 226 -2.60 -12.63 4.42
C ILE B 226 -2.21 -14.02 3.92
N GLY B 227 -1.80 -14.88 4.86
CA GLY B 227 -1.33 -16.22 4.54
C GLY B 227 -2.31 -17.10 3.80
N GLN B 228 -3.57 -17.05 4.20
CA GLN B 228 -4.61 -17.87 3.59
C GLN B 228 -5.00 -17.34 2.22
N LEU B 229 -4.99 -16.01 2.09
CA LEU B 229 -5.33 -15.35 0.85
C LEU B 229 -4.30 -15.64 -0.26
N LEU B 230 -3.03 -15.65 0.12
CA LEU B 230 -1.94 -15.81 -0.85
C LEU B 230 -1.36 -17.23 -0.89
N ASN B 231 -1.75 -18.06 0.07
CA ASN B 231 -1.21 -19.41 0.25
C ASN B 231 0.32 -19.42 0.29
N VAL B 232 0.88 -18.62 1.19
CA VAL B 232 2.32 -18.57 1.43
C VAL B 232 2.62 -18.66 2.93
N GLY B 233 3.84 -19.08 3.28
CA GLY B 233 4.23 -19.26 4.67
C GLY B 233 4.51 -17.94 5.38
N PRO B 234 4.72 -17.99 6.71
CA PRO B 234 4.88 -16.78 7.53
C PRO B 234 6.02 -15.87 7.08
N SER B 235 7.09 -16.46 6.53
CA SER B 235 8.23 -15.65 6.10
C SER B 235 8.05 -15.06 4.69
N GLU B 236 6.93 -15.36 4.05
CA GLU B 236 6.69 -14.93 2.67
C GLU B 236 5.56 -13.91 2.53
N ARG B 237 5.25 -13.21 3.61
CA ARG B 237 4.04 -12.41 3.63
C ARG B 237 4.28 -10.90 3.69
N LEU B 238 5.52 -10.48 3.45
CA LEU B 238 5.89 -9.07 3.56
C LEU B 238 5.02 -8.21 2.65
N SER B 239 4.93 -8.58 1.37
CA SER B 239 4.21 -7.77 0.40
C SER B 239 2.76 -7.63 0.82
N GLY B 240 2.16 -8.72 1.27
CA GLY B 240 0.78 -8.68 1.73
C GLY B 240 0.62 -7.88 3.02
N SER B 241 1.58 -8.03 3.92
CA SER B 241 1.59 -7.25 5.18
C SER B 241 1.66 -5.75 4.90
N LEU B 242 2.50 -5.36 3.94
CA LEU B 242 2.66 -3.95 3.59
C LEU B 242 1.37 -3.44 3.00
N ALA B 243 0.74 -4.24 2.14
CA ALA B 243 -0.57 -3.86 1.57
C ALA B 243 -1.61 -3.59 2.68
N CYS B 244 -1.72 -4.51 3.63
CA CYS B 244 -2.62 -4.31 4.77
C CYS B 244 -2.34 -3.01 5.51
N ALA B 245 -1.06 -2.78 5.82
CA ALA B 245 -0.64 -1.57 6.52
C ALA B 245 -1.04 -0.31 5.78
N VAL B 246 -0.73 -0.27 4.48
CA VAL B 246 -1.03 0.90 3.69
C VAL B 246 -2.53 1.15 3.64
N ILE B 247 -3.28 0.07 3.49
CA ILE B 247 -4.74 0.15 3.40
C ILE B 247 -5.30 0.70 4.70
N ALA B 248 -4.81 0.17 5.81
CA ALA B 248 -5.24 0.69 7.12
C ALA B 248 -4.83 2.15 7.30
N ALA B 249 -3.58 2.49 6.98
CA ALA B 249 -3.08 3.84 7.21
C ALA B 249 -3.75 4.88 6.30
N MET B 250 -4.06 4.48 5.06
CA MET B 250 -4.80 5.35 4.14
C MET B 250 -6.17 5.70 4.70
N GLN B 251 -6.70 4.79 5.54
CA GLN B 251 -7.98 5.03 6.21
C GLN B 251 -7.85 5.76 7.53
N GLY B 252 -6.63 6.21 7.84
CA GLY B 252 -6.41 7.01 9.02
C GLY B 252 -6.04 6.26 10.29
N ALA B 253 -5.63 5.00 10.16
CA ALA B 253 -5.16 4.25 11.33
C ALA B 253 -3.91 4.92 11.88
N HIS B 254 -3.77 4.99 13.20
CA HIS B 254 -2.73 5.80 13.83
C HIS B 254 -1.46 5.04 14.18
N ILE B 255 -1.60 3.78 14.55
CA ILE B 255 -0.47 2.95 14.90
C ILE B 255 -0.54 1.62 14.14
N ILE B 256 0.57 1.23 13.52
CA ILE B 256 0.64 -0.05 12.82
C ILE B 256 1.64 -0.97 13.49
N ARG B 257 1.16 -2.10 13.99
CA ARG B 257 1.99 -3.05 14.70
C ARG B 257 2.54 -4.10 13.74
N VAL B 258 3.86 -4.18 13.60
CA VAL B 258 4.46 -5.02 12.56
C VAL B 258 5.75 -5.70 12.99
N HIS B 259 6.14 -6.74 12.25
CA HIS B 259 7.45 -7.35 12.39
C HIS B 259 8.51 -6.62 11.58
N ASP B 260 8.14 -6.20 10.37
CA ASP B 260 9.11 -5.67 9.44
C ASP B 260 9.11 -4.14 9.45
N VAL B 261 9.83 -3.56 10.39
CA VAL B 261 9.72 -2.12 10.63
C VAL B 261 10.20 -1.28 9.45
N LYS B 262 11.42 -1.55 8.95
CA LYS B 262 12.03 -0.69 7.93
C LYS B 262 11.10 -0.53 6.73
N GLU B 263 10.60 -1.66 6.23
CA GLU B 263 9.76 -1.62 5.04
C GLU B 263 8.41 -0.94 5.34
N THR B 264 7.87 -1.19 6.53
CA THR B 264 6.59 -0.58 6.87
C THR B 264 6.76 0.94 7.00
N VAL B 265 7.87 1.37 7.61
CA VAL B 265 8.12 2.81 7.77
C VAL B 265 8.22 3.48 6.39
N GLU B 266 8.91 2.85 5.44
CA GLU B 266 9.01 3.42 4.10
C GLU B 266 7.63 3.59 3.46
N ALA B 267 6.81 2.55 3.57
CA ALA B 267 5.46 2.57 3.04
C ALA B 267 4.60 3.63 3.72
N MET B 268 4.84 3.87 5.02
CA MET B 268 4.06 4.88 5.73
C MET B 268 4.46 6.27 5.29
N ARG B 269 5.72 6.44 4.92
CA ARG B 269 6.20 7.71 4.41
C ARG B 269 5.50 8.08 3.11
N VAL B 270 5.31 7.10 2.25
CA VAL B 270 4.52 7.26 1.03
C VAL B 270 3.05 7.62 1.34
N VAL B 271 2.45 6.90 2.30
CA VAL B 271 1.07 7.20 2.75
C VAL B 271 0.96 8.63 3.27
N GLU B 272 1.95 9.04 4.06
N GLU B 272 1.93 9.06 4.07
CA GLU B 272 2.00 10.38 4.64
CA GLU B 272 1.90 10.42 4.62
C GLU B 272 2.09 11.48 3.57
C GLU B 272 2.06 11.50 3.55
N ALA B 273 2.89 11.25 2.54
CA ALA B 273 3.04 12.21 1.46
C ALA B 273 1.73 12.33 0.68
N THR B 274 1.02 11.20 0.57
CA THR B 274 -0.24 11.15 -0.14
C THR B 274 -1.35 11.86 0.66
N LEU B 275 -1.48 11.51 1.94
CA LEU B 275 -2.47 12.15 2.80
C LEU B 275 -2.26 13.67 2.93
N SER B 276 -1.00 14.11 2.96
CA SER B 276 -0.68 15.54 3.05
C SER B 276 -1.12 16.29 1.80
N ALA B 277 -1.28 15.58 0.69
CA ALA B 277 -1.72 16.19 -0.55
C ALA B 277 -3.25 16.14 -0.69
N LYS B 278 -3.90 15.41 0.21
CA LYS B 278 -5.35 15.23 0.16
C LYS B 278 -6.09 16.23 1.05
N GLU B 279 -7.30 16.62 0.63
CA GLU B 279 -8.10 17.59 1.39
C GLU B 279 -8.69 16.97 2.66
N ASN B 280 -9.31 15.80 2.50
CA ASN B 280 -9.90 15.07 3.63
C ASN B 280 -8.87 14.53 4.63
N LYS B 281 -7.64 14.37 4.17
CA LYS B 281 -6.56 13.74 4.93
C LYS B 281 -6.93 12.33 5.40
N ARG B 282 -7.74 11.63 4.59
CA ARG B 282 -8.25 10.31 4.92
C ARG B 282 -9.01 9.71 3.74
N TYR B 283 -8.91 8.38 3.57
CA TYR B 283 -9.70 7.68 2.56
C TYR B 283 -10.77 6.82 3.23
N GLU B 284 -12.01 6.93 2.72
CA GLU B 284 -13.12 6.12 3.20
C GLU B 284 -13.83 5.50 2.01
C1 9MG C . 6.58 3.66 -20.92
N2 9MG C . 6.25 4.24 -19.63
C3 9MG C . 7.14 4.62 -18.66
N4 9MG C . 6.52 5.11 -17.61
C5 9MG C . 5.19 5.01 -17.92
C6 9MG C . 4.05 5.40 -17.15
O7 9MG C . 4.11 5.89 -16.04
N8 9MG C . 2.89 5.13 -17.86
C9 9MG C . 2.80 4.58 -19.14
N10 9MG C . 1.52 4.42 -19.60
N11 9MG C . 3.85 4.24 -19.82
C12 9MG C . 4.99 4.49 -19.16
C ACY D . 10.47 9.39 -31.23
O ACY D . 9.80 8.34 -31.04
OXT ACY D . 11.73 9.46 -31.23
CH3 ACY D . 9.72 10.67 -31.48
C1 9MG E . -0.07 -8.59 21.20
N2 9MG E . -0.80 -8.56 19.95
C3 9MG E . -0.77 -9.53 19.00
N4 9MG E . -1.55 -9.22 17.96
C5 9MG E . -2.07 -8.00 18.30
C6 9MG E . -2.98 -7.21 17.54
O7 9MG E . -3.41 -7.54 16.45
N8 9MG E . -3.28 -6.04 18.23
C9 9MG E . -2.76 -5.69 19.49
N10 9MG E . -3.21 -4.47 19.97
N11 9MG E . -1.94 -6.43 20.16
C12 9MG E . -1.63 -7.57 19.52
#